data_3BNK
#
_entry.id   3BNK
#
_cell.length_a   62.033
_cell.length_b   74.828
_cell.length_c   75.822
_cell.angle_alpha   90.000
_cell.angle_beta   90.000
_cell.angle_gamma   90.000
#
_symmetry.space_group_name_H-M   'P 21 21 21'
#
loop_
_entity.id
_entity.type
_entity.pdbx_description
1 polymer Flavoredoxin
2 non-polymer 'FLAVIN MONONUCLEOTIDE'
3 water water
#
_entity_poly.entity_id   1
_entity_poly.type   'polypeptide(L)'
_entity_poly.pdbx_seq_one_letter_code
;MAEKIKINNNVFIYPMPVTLLGANVKGKANLMALGWVSRVNANPPMLGVGVNKSHYTPEGIAENGSFSVNFPYSGMVKKT
DYCGLVSGEKVDKSGLFEVFYGELKTAPMIKECTLNLECRVVETLEFPTNYFFVGEIIAAYSEEQYLIQGKPDIKKMDPL
LLTMPDNSYWTVGDYAGAALKTGKSLMEKRHHHHHH
;
_entity_poly.pdbx_strand_id   A,B
#
loop_
_chem_comp.id
_chem_comp.type
_chem_comp.name
_chem_comp.formula
FMN non-polymer 'FLAVIN MONONUCLEOTIDE' 'C17 H21 N4 O9 P'
#
# COMPACT_ATOMS: atom_id res chain seq x y z
N ALA A 2 23.45 -0.90 -15.10
CA ALA A 2 24.78 -0.42 -14.61
C ALA A 2 24.69 0.46 -13.36
N GLU A 3 25.22 1.69 -13.46
CA GLU A 3 25.25 2.65 -12.35
C GLU A 3 23.84 3.16 -11.96
N LYS A 4 23.69 3.55 -10.70
CA LYS A 4 22.44 4.14 -10.20
C LYS A 4 22.25 5.56 -10.73
N ILE A 5 21.04 5.86 -11.18
CA ILE A 5 20.71 7.20 -11.66
C ILE A 5 19.51 7.77 -10.90
N LYS A 6 19.61 9.03 -10.49
CA LYS A 6 18.52 9.69 -9.79
C LYS A 6 17.40 9.99 -10.75
N ILE A 7 16.18 9.69 -10.31
CA ILE A 7 14.97 10.03 -11.04
C ILE A 7 14.11 10.94 -10.16
N ASN A 8 12.95 11.33 -10.67
CA ASN A 8 12.06 12.28 -10.01
C ASN A 8 11.52 11.76 -8.67
N ASN A 9 11.49 12.63 -7.67
CA ASN A 9 11.10 12.30 -6.30
C ASN A 9 9.64 11.93 -6.07
N ASN A 10 8.76 12.40 -6.95
CA ASN A 10 7.35 12.04 -6.86
C ASN A 10 7.15 10.60 -7.39
N VAL A 11 7.56 9.64 -6.56
CA VAL A 11 7.49 8.23 -6.91
C VAL A 11 6.40 7.50 -6.14
N PHE A 12 5.62 6.71 -6.86
CA PHE A 12 4.54 5.92 -6.26
C PHE A 12 5.04 4.53 -5.95
N ILE A 13 4.30 3.79 -5.12
CA ILE A 13 4.63 2.41 -4.82
C ILE A 13 4.34 1.56 -6.05
N TYR A 14 5.24 0.60 -6.34
CA TYR A 14 5.13 -0.31 -7.48
C TYR A 14 4.77 -1.73 -7.08
N PRO A 15 3.49 -2.13 -7.29
CA PRO A 15 2.36 -1.30 -7.71
C PRO A 15 1.58 -0.82 -6.50
N MET A 16 0.50 -0.08 -6.73
CA MET A 16 -0.42 0.30 -5.68
C MET A 16 -1.61 -0.68 -5.67
N PRO A 17 -2.29 -0.81 -4.52
CA PRO A 17 -3.53 -1.56 -4.56
C PRO A 17 -4.60 -0.68 -5.21
N VAL A 18 -5.74 -1.27 -5.57
CA VAL A 18 -6.85 -0.53 -6.14
C VAL A 18 -8.09 -0.74 -5.29
N THR A 19 -8.52 0.36 -4.71
CA THR A 19 -9.54 0.35 -3.70
C THR A 19 -10.56 1.45 -3.99
N LEU A 20 -11.80 1.25 -3.56
CA LEU A 20 -12.76 2.33 -3.54
C LEU A 20 -13.00 2.78 -2.11
N LEU A 21 -12.74 4.06 -1.87
CA LEU A 21 -12.94 4.68 -0.58
C LEU A 21 -14.35 5.25 -0.47
N GLY A 22 -15.13 4.73 0.46
CA GLY A 22 -16.51 5.15 0.67
C GLY A 22 -16.71 6.01 1.90
N ALA A 23 -17.43 7.11 1.73
CA ALA A 23 -17.83 7.99 2.84
C ALA A 23 -19.22 8.59 2.61
N ASN A 24 -19.95 8.83 3.68
CA ASN A 24 -21.11 9.69 3.59
C ASN A 24 -20.69 11.15 3.61
N VAL A 25 -21.25 11.92 2.68
CA VAL A 25 -21.08 13.36 2.66
C VAL A 25 -22.50 13.92 2.62
N LYS A 26 -22.86 14.66 3.67
CA LYS A 26 -24.18 15.27 3.84
C LYS A 26 -25.29 14.24 3.75
N GLY A 27 -25.06 13.08 4.35
CA GLY A 27 -26.02 11.96 4.36
C GLY A 27 -26.08 11.12 3.09
N LYS A 28 -25.25 11.46 2.10
CA LYS A 28 -25.25 10.79 0.80
C LYS A 28 -23.92 10.11 0.51
N ALA A 29 -23.98 8.85 0.09
CA ALA A 29 -22.80 8.03 -0.17
C ALA A 29 -21.90 8.62 -1.26
N ASN A 30 -20.60 8.61 -1.01
CA ASN A 30 -19.62 9.02 -1.99
C ASN A 30 -18.53 7.99 -2.04
N LEU A 31 -17.99 7.78 -3.25
CA LEU A 31 -16.87 6.88 -3.48
C LEU A 31 -15.79 7.55 -4.30
N MET A 32 -14.54 7.32 -3.92
CA MET A 32 -13.38 7.69 -4.74
C MET A 32 -12.43 6.52 -4.83
N ALA A 33 -11.70 6.48 -5.93
CA ALA A 33 -10.62 5.50 -6.12
C ALA A 33 -9.45 5.87 -5.22
N LEU A 34 -8.80 4.84 -4.68
CA LEU A 34 -7.80 5.02 -3.66
C LEU A 34 -6.69 3.98 -3.74
N GLY A 35 -5.46 4.44 -4.00
CA GLY A 35 -4.28 3.57 -3.95
C GLY A 35 -3.37 3.80 -2.75
N TRP A 36 -3.64 4.87 -2.02
CA TRP A 36 -2.81 5.24 -0.88
C TRP A 36 -3.44 4.71 0.41
N VAL A 37 -3.36 3.40 0.58
CA VAL A 37 -3.85 2.72 1.79
C VAL A 37 -2.88 1.64 2.24
N SER A 38 -2.66 1.56 3.54
CA SER A 38 -1.83 0.53 4.13
C SER A 38 -2.33 0.26 5.53
N ARG A 39 -2.15 -0.98 5.97
CA ARG A 39 -2.23 -1.31 7.40
C ARG A 39 -1.18 -0.49 8.16
N VAL A 40 -1.52 -0.17 9.39
CA VAL A 40 -0.75 0.78 10.17
C VAL A 40 -0.51 0.22 11.59
N ASN A 41 -1.34 -0.73 11.99
CA ASN A 41 -1.26 -1.35 13.30
C ASN A 41 -1.79 -2.77 13.22
N ALA A 42 -1.09 -3.69 13.85
CA ALA A 42 -1.45 -5.10 13.87
C ALA A 42 -2.67 -5.40 14.75
N ASN A 43 -2.59 -5.03 16.01
CA ASN A 43 -3.66 -5.34 16.96
C ASN A 43 -3.88 -4.15 17.92
N PRO A 44 -5.08 -3.54 17.88
CA PRO A 44 -6.19 -3.89 17.01
C PRO A 44 -5.91 -3.50 15.55
N PRO A 45 -6.65 -4.11 14.61
CA PRO A 45 -6.42 -3.91 13.19
C PRO A 45 -6.78 -2.49 12.75
N MET A 46 -5.77 -1.75 12.32
CA MET A 46 -5.91 -0.37 11.84
C MET A 46 -5.22 -0.17 10.49
N LEU A 47 -5.82 0.67 9.64
CA LEU A 47 -5.28 1.03 8.32
C LEU A 47 -5.19 2.54 8.29
N GLY A 48 -4.38 3.08 7.39
CA GLY A 48 -4.37 4.51 7.10
C GLY A 48 -4.69 4.81 5.64
N VAL A 49 -5.45 5.87 5.41
CA VAL A 49 -5.86 6.26 4.04
C VAL A 49 -5.37 7.68 3.69
N GLY A 50 -4.66 7.80 2.57
CA GLY A 50 -4.09 9.09 2.12
C GLY A 50 -4.94 9.83 1.09
N VAL A 51 -5.52 10.94 1.51
CA VAL A 51 -6.59 11.58 0.75
C VAL A 51 -6.31 13.05 0.48
N ASN A 52 -6.31 13.43 -0.79
CA ASN A 52 -6.06 14.83 -1.13
C ASN A 52 -7.08 15.81 -0.52
N LYS A 53 -6.56 16.90 0.05
CA LYS A 53 -7.41 17.96 0.59
C LYS A 53 -8.34 18.58 -0.46
N SER A 54 -7.99 18.43 -1.75
CA SER A 54 -8.79 18.99 -2.86
C SER A 54 -10.01 18.14 -3.22
N HIS A 55 -10.16 17.00 -2.55
CA HIS A 55 -11.25 16.07 -2.83
C HIS A 55 -12.46 16.33 -1.95
N TYR A 56 -13.60 15.77 -2.36
CA TYR A 56 -14.87 15.91 -1.69
C TYR A 56 -15.02 14.91 -0.55
N THR A 57 -14.35 13.77 -0.68
CA THR A 57 -14.47 12.68 0.30
C THR A 57 -14.07 13.04 1.76
N PRO A 58 -12.94 13.79 1.96
CA PRO A 58 -12.49 14.14 3.33
C PRO A 58 -13.54 14.91 4.17
N GLU A 59 -14.35 15.73 3.51
CA GLU A 59 -15.46 16.43 4.16
C GLU A 59 -16.41 15.43 4.82
N GLY A 60 -16.66 14.31 4.14
CA GLY A 60 -17.50 13.26 4.66
C GLY A 60 -16.88 12.46 5.79
N ILE A 61 -15.60 12.09 5.65
CA ILE A 61 -14.92 11.34 6.70
C ILE A 61 -14.82 12.21 7.97
N ALA A 62 -14.60 13.52 7.77
CA ALA A 62 -14.54 14.51 8.84
C ALA A 62 -15.87 14.70 9.58
N GLU A 63 -16.99 14.61 8.85
CA GLU A 63 -18.32 14.66 9.44
C GLU A 63 -18.61 13.43 10.28
N ASN A 64 -18.30 12.26 9.69
CA ASN A 64 -18.78 11.01 10.20
C ASN A 64 -17.83 10.25 11.13
N GLY A 65 -16.55 10.60 11.12
CA GLY A 65 -15.53 9.80 11.85
C GLY A 65 -15.53 8.34 11.42
N SER A 66 -15.83 8.12 10.13
CA SER A 66 -15.88 6.78 9.57
C SER A 66 -15.66 6.77 8.05
N PHE A 67 -15.29 5.60 7.55
CA PHE A 67 -15.13 5.40 6.10
C PHE A 67 -15.01 3.90 5.83
N SER A 68 -15.19 3.52 4.56
CA SER A 68 -15.00 2.14 4.17
C SER A 68 -13.92 1.99 3.09
N VAL A 69 -13.27 0.83 3.10
CA VAL A 69 -12.33 0.48 2.04
C VAL A 69 -12.89 -0.77 1.31
N ASN A 70 -13.11 -0.63 0.00
CA ASN A 70 -13.77 -1.65 -0.85
C ASN A 70 -12.89 -2.10 -2.02
N PHE A 71 -12.80 -3.41 -2.23
CA PHE A 71 -11.92 -3.98 -3.26
C PHE A 71 -12.73 -4.41 -4.46
N PRO A 72 -12.65 -3.64 -5.56
CA PRO A 72 -13.30 -4.13 -6.79
C PRO A 72 -12.53 -5.32 -7.37
N TYR A 73 -13.22 -6.13 -8.18
CA TYR A 73 -12.59 -7.17 -9.00
C TYR A 73 -12.36 -6.58 -10.41
N SER A 74 -11.55 -7.24 -11.23
CA SER A 74 -11.01 -6.62 -12.46
C SER A 74 -12.06 -6.12 -13.45
N GLY A 75 -13.19 -6.82 -13.56
CA GLY A 75 -14.27 -6.43 -14.46
C GLY A 75 -14.92 -5.09 -14.12
N MET A 76 -14.60 -4.57 -12.93
CA MET A 76 -15.15 -3.32 -12.45
C MET A 76 -14.23 -2.14 -12.75
N VAL A 77 -13.22 -2.34 -13.60
CA VAL A 77 -12.21 -1.31 -13.85
C VAL A 77 -12.76 0.04 -14.30
N LYS A 78 -13.80 -0.02 -15.16
CA LYS A 78 -14.31 1.21 -15.76
C LYS A 78 -14.99 2.13 -14.75
N LYS A 79 -15.94 1.58 -14.01
CA LYS A 79 -16.64 2.34 -12.97
C LYS A 79 -15.67 2.77 -11.88
N THR A 80 -14.71 1.90 -11.58
CA THR A 80 -13.65 2.20 -10.62
C THR A 80 -12.82 3.41 -11.04
N ASP A 81 -12.38 3.42 -12.29
CA ASP A 81 -11.63 4.57 -12.83
C ASP A 81 -12.49 5.84 -12.89
N TYR A 82 -13.76 5.68 -13.27
CA TYR A 82 -14.76 6.76 -13.21
C TYR A 82 -14.78 7.45 -11.84
N CYS A 83 -14.86 6.64 -10.78
CA CYS A 83 -14.78 7.12 -9.39
C CYS A 83 -13.48 7.81 -9.03
N GLY A 84 -12.43 7.53 -9.78
CA GLY A 84 -11.16 8.24 -9.64
C GLY A 84 -11.00 9.45 -10.54
N LEU A 85 -12.04 9.84 -11.26
CA LEU A 85 -11.94 10.96 -12.22
C LEU A 85 -12.93 12.07 -11.90
N VAL A 86 -14.12 11.67 -11.49
CA VAL A 86 -15.19 12.60 -11.20
C VAL A 86 -15.25 12.84 -9.66
N SER A 87 -15.59 14.06 -9.24
CA SER A 87 -15.75 14.37 -7.81
C SER A 87 -17.22 14.45 -7.42
N GLY A 88 -17.52 13.94 -6.22
CA GLY A 88 -18.87 14.02 -5.64
C GLY A 88 -19.34 15.44 -5.43
N GLU A 89 -18.41 16.39 -5.52
CA GLU A 89 -18.72 17.83 -5.50
C GLU A 89 -19.68 18.21 -6.63
N LYS A 90 -19.46 17.64 -7.81
CA LYS A 90 -20.23 17.99 -9.01
C LYS A 90 -21.08 16.83 -9.55
N VAL A 91 -20.60 15.60 -9.36
CA VAL A 91 -21.25 14.42 -9.90
C VAL A 91 -21.60 13.45 -8.78
N ASP A 92 -22.89 13.21 -8.59
CA ASP A 92 -23.39 12.29 -7.58
C ASP A 92 -22.96 10.88 -7.96
N LYS A 93 -22.28 10.20 -7.03
CA LYS A 93 -21.79 8.85 -7.26
C LYS A 93 -22.51 7.80 -6.40
N SER A 94 -23.52 8.23 -5.65
CA SER A 94 -24.26 7.34 -4.73
C SER A 94 -25.02 6.21 -5.41
N GLY A 95 -25.41 6.43 -6.67
CA GLY A 95 -26.18 5.45 -7.42
C GLY A 95 -25.38 4.57 -8.38
N LEU A 96 -24.09 4.87 -8.51
CA LEU A 96 -23.19 4.11 -9.40
C LEU A 96 -23.18 2.62 -9.06
N PHE A 97 -23.19 2.34 -7.77
CA PHE A 97 -23.15 0.98 -7.24
C PHE A 97 -24.31 0.76 -6.28
N GLU A 98 -24.58 -0.50 -5.96
CA GLU A 98 -25.50 -0.85 -4.88
C GLU A 98 -24.77 -0.67 -3.55
N VAL A 99 -25.34 0.17 -2.69
CA VAL A 99 -24.71 0.56 -1.43
C VAL A 99 -25.34 -0.18 -0.27
N PHE A 100 -24.51 -0.72 0.62
CA PHE A 100 -24.97 -1.20 1.90
C PHE A 100 -24.17 -0.59 3.07
N TYR A 101 -24.81 -0.49 4.23
CA TYR A 101 -24.20 0.06 5.45
C TYR A 101 -24.01 -1.02 6.51
N GLY A 102 -23.15 -0.73 7.49
CA GLY A 102 -22.87 -1.68 8.55
C GLY A 102 -23.27 -1.13 9.89
N GLU A 103 -22.68 -1.72 10.95
CA GLU A 103 -22.86 -1.34 12.36
C GLU A 103 -22.81 0.17 12.61
N LEU A 104 -21.87 0.85 11.96
CA LEU A 104 -21.71 2.30 12.11
C LEU A 104 -22.83 3.10 11.46
N LYS A 105 -23.43 2.52 10.41
CA LYS A 105 -24.54 3.14 9.66
C LYS A 105 -24.13 4.42 8.92
N THR A 106 -22.84 4.73 8.98
CA THR A 106 -22.33 6.02 8.49
C THR A 106 -21.35 5.85 7.33
N ALA A 107 -20.79 4.65 7.18
CA ALA A 107 -19.80 4.37 6.17
C ALA A 107 -20.37 3.45 5.08
N PRO A 108 -20.60 4.01 3.87
CA PRO A 108 -21.21 3.27 2.78
C PRO A 108 -20.24 2.26 2.15
N MET A 109 -20.72 1.03 1.98
CA MET A 109 -19.93 -0.03 1.33
C MET A 109 -20.55 -0.53 0.02
N ILE A 110 -19.72 -1.12 -0.82
CA ILE A 110 -20.14 -1.50 -2.18
C ILE A 110 -20.39 -3.00 -2.30
N LYS A 111 -21.66 -3.36 -2.50
CA LYS A 111 -22.12 -4.75 -2.65
C LYS A 111 -21.31 -5.53 -3.69
N GLU A 112 -21.04 -4.88 -4.83
CA GLU A 112 -20.35 -5.52 -5.95
C GLU A 112 -18.88 -5.82 -5.64
N CYS A 113 -18.28 -5.04 -4.74
CA CYS A 113 -16.88 -5.27 -4.39
C CYS A 113 -16.70 -6.60 -3.64
N THR A 114 -15.49 -7.11 -3.76
CA THR A 114 -15.11 -8.42 -3.27
C THR A 114 -14.92 -8.46 -1.74
N LEU A 115 -14.44 -7.35 -1.20
CA LEU A 115 -14.13 -7.30 0.23
C LEU A 115 -14.41 -5.88 0.69
N ASN A 116 -15.12 -5.74 1.80
CA ASN A 116 -15.48 -4.41 2.32
C ASN A 116 -14.99 -4.30 3.73
N LEU A 117 -14.25 -3.22 4.01
CA LEU A 117 -13.72 -2.95 5.35
C LEU A 117 -14.39 -1.71 5.93
N GLU A 118 -15.14 -1.89 7.01
CA GLU A 118 -15.85 -0.81 7.68
C GLU A 118 -14.98 -0.29 8.83
N CYS A 119 -14.63 0.98 8.74
CA CYS A 119 -13.59 1.58 9.58
C CYS A 119 -14.08 2.76 10.41
N ARG A 120 -13.70 2.73 11.69
CA ARG A 120 -13.96 3.77 12.65
C ARG A 120 -12.70 4.62 12.72
N VAL A 121 -12.82 5.91 12.44
CA VAL A 121 -11.63 6.79 12.52
C VAL A 121 -11.20 6.87 13.97
N VAL A 122 -9.90 6.64 14.18
CA VAL A 122 -9.27 6.63 15.49
C VAL A 122 -8.43 7.90 15.59
N GLU A 123 -7.75 8.24 14.48
CA GLU A 123 -6.87 9.41 14.44
C GLU A 123 -6.84 10.02 13.06
N THR A 124 -6.88 11.35 13.00
CA THR A 124 -6.79 12.08 11.75
C THR A 124 -5.54 12.94 11.76
N LEU A 125 -4.69 12.69 10.78
CA LEU A 125 -3.49 13.49 10.60
C LEU A 125 -3.61 14.32 9.36
N GLU A 126 -2.86 15.41 9.35
CA GLU A 126 -2.91 16.36 8.29
C GLU A 126 -1.48 16.56 7.84
N PHE A 127 -1.27 16.48 6.53
CA PHE A 127 0.00 16.82 5.91
C PHE A 127 -0.30 17.89 4.84
N PRO A 128 0.74 18.55 4.29
CA PRO A 128 0.52 19.78 3.49
C PRO A 128 -0.54 19.71 2.38
N THR A 129 -0.70 18.56 1.73
CA THR A 129 -1.68 18.44 0.64
C THR A 129 -2.74 17.33 0.84
N ASN A 130 -2.56 16.53 1.88
CA ASN A 130 -3.36 15.35 2.09
C ASN A 130 -3.69 15.16 3.55
N TYR A 131 -4.92 14.75 3.82
CA TYR A 131 -5.23 14.15 5.12
C TYR A 131 -4.72 12.69 5.14
N PHE A 132 -4.42 12.19 6.33
CA PHE A 132 -4.15 10.78 6.54
C PHE A 132 -5.07 10.27 7.65
N PHE A 133 -6.20 9.67 7.28
CA PHE A 133 -7.17 9.16 8.26
C PHE A 133 -6.80 7.75 8.70
N VAL A 134 -6.61 7.56 10.00
CA VAL A 134 -6.34 6.24 10.57
C VAL A 134 -7.62 5.66 11.16
N GLY A 135 -8.03 4.50 10.67
CA GLY A 135 -9.25 3.86 11.07
C GLY A 135 -8.99 2.46 11.63
N GLU A 136 -9.82 2.06 12.57
CA GLU A 136 -9.84 0.69 13.04
C GLU A 136 -10.84 -0.10 12.22
N ILE A 137 -10.41 -1.23 11.67
CA ILE A 137 -11.35 -2.14 11.00
C ILE A 137 -12.24 -2.82 12.06
N ILE A 138 -13.49 -2.37 12.13
CA ILE A 138 -14.44 -2.84 13.14
C ILE A 138 -15.41 -3.90 12.60
N ALA A 139 -15.53 -3.96 11.27
CA ALA A 139 -16.28 -5.02 10.57
C ALA A 139 -15.69 -5.25 9.17
N ALA A 140 -15.64 -6.51 8.76
CA ALA A 140 -15.11 -6.88 7.44
C ALA A 140 -16.09 -7.84 6.78
N TYR A 141 -16.39 -7.59 5.50
CA TYR A 141 -17.43 -8.31 4.74
C TYR A 141 -16.89 -8.90 3.46
N SER A 142 -17.24 -10.16 3.20
CA SER A 142 -16.92 -10.77 1.92
C SER A 142 -18.08 -11.67 1.52
N GLU A 143 -17.82 -12.62 0.63
CA GLU A 143 -18.82 -13.60 0.20
C GLU A 143 -18.14 -14.95 0.15
N GLU A 144 -18.91 -16.03 0.31
CA GLU A 144 -18.34 -17.39 0.32
C GLU A 144 -17.44 -17.62 -0.92
N GLN A 145 -17.88 -17.14 -2.08
CA GLN A 145 -17.20 -17.33 -3.35
C GLN A 145 -15.79 -16.69 -3.42
N TYR A 146 -15.47 -15.80 -2.48
CA TYR A 146 -14.16 -15.13 -2.40
C TYR A 146 -13.25 -15.67 -1.29
N LEU A 147 -13.72 -16.71 -0.59
CA LEU A 147 -13.13 -17.19 0.65
C LEU A 147 -12.64 -18.64 0.62
N ILE A 148 -11.52 -18.88 1.29
CA ILE A 148 -11.07 -20.24 1.64
C ILE A 148 -10.98 -20.32 3.16
N GLN A 149 -11.82 -21.16 3.75
CA GLN A 149 -11.97 -21.28 5.21
C GLN A 149 -12.14 -19.92 5.88
N GLY A 150 -13.06 -19.10 5.36
CA GLY A 150 -13.38 -17.77 5.93
C GLY A 150 -12.31 -16.71 5.75
N LYS A 151 -11.32 -17.01 4.90
CA LYS A 151 -10.19 -16.12 4.63
C LYS A 151 -10.18 -15.75 3.13
N PRO A 152 -10.07 -14.45 2.82
CA PRO A 152 -9.99 -14.00 1.44
C PRO A 152 -8.90 -14.69 0.66
N ASP A 153 -9.22 -15.09 -0.56
CA ASP A 153 -8.23 -15.67 -1.48
C ASP A 153 -8.10 -14.70 -2.64
N ILE A 154 -6.91 -14.20 -2.87
CA ILE A 154 -6.67 -13.14 -3.88
C ILE A 154 -7.04 -13.55 -5.33
N LYS A 155 -6.74 -14.79 -5.71
CA LYS A 155 -7.17 -15.29 -7.03
C LYS A 155 -8.71 -15.32 -7.22
N LYS A 156 -9.45 -15.72 -6.19
CA LYS A 156 -10.92 -15.61 -6.23
C LYS A 156 -11.39 -14.15 -6.29
N MET A 157 -10.68 -13.28 -5.56
CA MET A 157 -10.97 -11.85 -5.54
C MET A 157 -10.69 -11.18 -6.88
N ASP A 158 -9.55 -11.50 -7.49
CA ASP A 158 -9.16 -10.89 -8.76
C ASP A 158 -9.11 -9.36 -8.68
N PRO A 159 -8.31 -8.83 -7.72
CA PRO A 159 -8.27 -7.38 -7.51
C PRO A 159 -7.38 -6.68 -8.54
N LEU A 160 -7.54 -5.38 -8.65
CA LEU A 160 -6.75 -4.57 -9.57
C LEU A 160 -5.54 -4.00 -8.87
N LEU A 161 -4.47 -3.83 -9.63
CA LEU A 161 -3.24 -3.16 -9.20
C LEU A 161 -3.06 -1.90 -10.04
N LEU A 162 -2.28 -0.95 -9.54
CA LEU A 162 -2.14 0.33 -10.20
C LEU A 162 -0.70 0.84 -10.20
N THR A 163 -0.30 1.36 -11.34
CA THR A 163 0.93 2.11 -11.39
C THR A 163 0.72 3.50 -11.97
N MET A 164 1.41 4.49 -11.36
CA MET A 164 1.38 5.90 -11.77
C MET A 164 2.81 6.46 -11.78
N PRO A 165 3.10 7.53 -12.57
CA PRO A 165 2.21 8.28 -13.46
C PRO A 165 2.05 7.66 -14.86
N ASP A 166 2.50 6.43 -15.06
CA ASP A 166 2.25 5.78 -16.37
C ASP A 166 0.76 5.46 -16.52
N ASN A 167 0.04 5.44 -15.38
CA ASN A 167 -1.41 5.24 -15.34
C ASN A 167 -1.90 3.92 -15.94
N SER A 168 -1.36 2.82 -15.42
CA SER A 168 -1.74 1.50 -15.86
C SER A 168 -2.37 0.67 -14.75
N TYR A 169 -3.45 -0.02 -15.12
CA TYR A 169 -4.03 -1.08 -14.30
C TYR A 169 -3.36 -2.40 -14.66
N TRP A 170 -3.25 -3.28 -13.66
CA TRP A 170 -2.73 -4.62 -13.80
C TRP A 170 -3.56 -5.57 -12.96
N THR A 171 -3.57 -6.86 -13.31
CA THR A 171 -4.13 -7.86 -12.38
C THR A 171 -3.00 -8.64 -11.74
N VAL A 172 -3.32 -9.55 -10.83
CA VAL A 172 -2.32 -10.37 -10.13
C VAL A 172 -1.86 -11.53 -11.03
N GLY A 173 -0.57 -11.85 -10.94
CA GLY A 173 0.04 -12.89 -11.75
C GLY A 173 0.12 -14.20 -11.00
N ASP A 174 1.25 -14.88 -11.16
CA ASP A 174 1.38 -16.26 -10.74
C ASP A 174 1.97 -16.33 -9.35
N TYR A 175 1.62 -17.39 -8.61
CA TYR A 175 2.26 -17.71 -7.35
C TYR A 175 3.79 -17.75 -7.51
N ALA A 176 4.49 -17.16 -6.54
CA ALA A 176 5.93 -16.99 -6.65
C ALA A 176 6.68 -17.49 -5.41
N GLY A 177 5.99 -18.19 -4.52
CA GLY A 177 6.63 -18.74 -3.32
C GLY A 177 5.87 -18.55 -2.02
N ALA A 178 6.35 -19.23 -0.98
CA ALA A 178 5.75 -19.16 0.35
C ALA A 178 6.47 -18.11 1.16
N ALA A 179 5.75 -17.08 1.60
CA ALA A 179 6.35 -16.05 2.45
C ALA A 179 6.53 -16.58 3.86
N LEU A 180 7.54 -16.05 4.56
CA LEU A 180 7.94 -16.53 5.88
C LEU A 180 8.29 -18.04 5.86
N LYS A 181 8.87 -18.48 4.74
CA LYS A 181 9.20 -19.90 4.52
C LYS A 181 10.36 -20.11 3.54
N THR A 182 10.21 -19.66 2.29
CA THR A 182 11.26 -19.88 1.26
C THR A 182 12.63 -19.38 1.69
N GLY A 183 12.67 -18.29 2.46
CA GLY A 183 13.92 -17.71 2.93
C GLY A 183 14.63 -18.50 4.03
N LYS A 184 13.99 -19.57 4.51
CA LYS A 184 14.57 -20.43 5.57
C LYS A 184 15.89 -21.07 5.13
N SER A 185 16.05 -21.29 3.83
CA SER A 185 17.27 -21.88 3.26
C SER A 185 18.56 -21.08 3.52
N LEU A 186 18.44 -19.76 3.60
CA LEU A 186 19.59 -18.87 3.79
C LEU A 186 20.09 -18.81 5.24
N MET A 187 19.37 -19.47 6.14
CA MET A 187 19.74 -19.52 7.56
C MET A 187 20.86 -20.53 7.81
N ALA B 2 -25.32 -13.64 -3.91
CA ALA B 2 -24.52 -14.08 -2.73
C ALA B 2 -24.59 -13.08 -1.56
N GLU B 3 -25.00 -13.59 -0.41
CA GLU B 3 -25.11 -12.77 0.80
C GLU B 3 -23.71 -12.42 1.35
N LYS B 4 -23.63 -11.26 1.99
CA LYS B 4 -22.40 -10.81 2.62
C LYS B 4 -22.10 -11.57 3.91
N ILE B 5 -20.86 -12.02 4.03
CA ILE B 5 -20.38 -12.78 5.16
C ILE B 5 -19.45 -11.92 6.03
N LYS B 6 -19.68 -11.88 7.34
CA LYS B 6 -18.75 -11.21 8.25
C LYS B 6 -17.51 -12.08 8.48
N ILE B 7 -16.33 -11.50 8.30
CA ILE B 7 -15.08 -12.25 8.50
C ILE B 7 -14.15 -11.57 9.53
N ASN B 8 -13.05 -12.24 9.85
CA ASN B 8 -12.03 -11.73 10.77
C ASN B 8 -11.64 -10.28 10.42
N ASN B 9 -11.73 -9.40 11.42
CA ASN B 9 -11.41 -7.96 11.28
C ASN B 9 -9.94 -7.68 10.96
N ASN B 10 -9.08 -8.64 11.28
CA ASN B 10 -7.66 -8.54 10.99
C ASN B 10 -7.40 -8.91 9.53
N VAL B 11 -7.76 -8.00 8.63
CA VAL B 11 -7.57 -8.24 7.21
C VAL B 11 -6.47 -7.35 6.66
N PHE B 12 -5.66 -7.94 5.79
CA PHE B 12 -4.54 -7.24 5.19
C PHE B 12 -4.97 -6.70 3.83
N ILE B 13 -4.13 -5.85 3.24
CA ILE B 13 -4.46 -5.29 1.94
C ILE B 13 -4.17 -6.39 0.87
N TYR B 14 -5.07 -6.52 -0.10
CA TYR B 14 -4.97 -7.49 -1.20
C TYR B 14 -4.61 -6.87 -2.55
N PRO B 15 -3.33 -6.98 -2.97
CA PRO B 15 -2.21 -7.54 -2.22
C PRO B 15 -1.45 -6.41 -1.54
N MET B 16 -0.38 -6.79 -0.84
CA MET B 16 0.64 -5.87 -0.39
C MET B 16 1.78 -5.83 -1.39
N PRO B 17 2.54 -4.72 -1.40
CA PRO B 17 3.79 -4.67 -2.15
C PRO B 17 4.88 -5.44 -1.38
N VAL B 18 6.02 -5.69 -2.01
CA VAL B 18 7.13 -6.34 -1.33
C VAL B 18 8.37 -5.46 -1.45
N THR B 19 8.81 -4.97 -0.30
CA THR B 19 9.88 -4.03 -0.26
C THR B 19 10.89 -4.44 0.81
N LEU B 20 12.08 -3.90 0.70
CA LEU B 20 13.07 -4.05 1.75
C LEU B 20 13.28 -2.68 2.40
N LEU B 21 13.11 -2.63 3.72
CA LEU B 21 13.25 -1.40 4.44
C LEU B 21 14.65 -1.35 5.06
N GLY B 22 15.40 -0.31 4.69
CA GLY B 22 16.78 -0.15 5.15
C GLY B 22 16.92 0.93 6.21
N ALA B 23 17.68 0.62 7.26
CA ALA B 23 18.03 1.61 8.27
C ALA B 23 19.37 1.29 8.89
N ASN B 24 20.10 2.35 9.24
CA ASN B 24 21.27 2.18 10.10
C ASN B 24 20.79 2.03 11.53
N VAL B 25 21.32 1.02 12.21
CA VAL B 25 21.07 0.80 13.62
C VAL B 25 22.45 0.66 14.23
N LYS B 26 22.77 1.54 15.18
CA LYS B 26 24.10 1.63 15.78
C LYS B 26 25.21 1.65 14.73
N GLY B 27 24.98 2.43 13.67
CA GLY B 27 25.97 2.64 12.61
C GLY B 27 26.08 1.55 11.56
N LYS B 28 25.31 0.47 11.74
CA LYS B 28 25.35 -0.70 10.84
C LYS B 28 24.05 -0.86 10.07
N ALA B 29 24.17 -1.22 8.80
CA ALA B 29 23.01 -1.32 7.93
C ALA B 29 22.13 -2.52 8.33
N ASN B 30 20.84 -2.25 8.38
CA ASN B 30 19.84 -3.27 8.61
C ASN B 30 18.83 -3.25 7.49
N LEU B 31 18.27 -4.42 7.19
CA LEU B 31 17.17 -4.58 6.26
C LEU B 31 16.11 -5.49 6.84
N MET B 32 14.85 -5.10 6.69
CA MET B 32 13.73 -5.98 6.99
C MET B 32 12.73 -5.97 5.83
N ALA B 33 12.04 -7.10 5.63
CA ALA B 33 10.98 -7.19 4.63
C ALA B 33 9.76 -6.37 5.07
N LEU B 34 9.20 -5.61 4.14
CA LEU B 34 8.14 -4.63 4.44
C LEU B 34 7.03 -4.61 3.39
N GLY B 35 5.80 -4.83 3.82
CA GLY B 35 4.63 -4.81 2.94
C GLY B 35 3.73 -3.63 3.28
N TRP B 36 3.87 -3.10 4.50
CA TRP B 36 3.08 -1.96 4.95
C TRP B 36 3.76 -0.65 4.54
N VAL B 37 3.69 -0.34 3.25
CA VAL B 37 4.22 0.91 2.68
C VAL B 37 3.15 1.52 1.82
N SER B 38 3.01 2.83 1.91
CA SER B 38 2.09 3.55 1.06
C SER B 38 2.50 5.00 0.94
N ARG B 39 2.11 5.64 -0.17
CA ARG B 39 2.17 7.11 -0.25
C ARG B 39 1.19 7.72 0.75
N VAL B 40 1.56 8.88 1.26
CA VAL B 40 0.80 9.56 2.29
C VAL B 40 0.45 10.98 1.82
N ASN B 41 1.45 11.66 1.26
CA ASN B 41 1.31 13.07 0.83
C ASN B 41 1.83 13.25 -0.59
N ALA B 42 1.14 14.10 -1.35
CA ALA B 42 1.51 14.40 -2.73
C ALA B 42 2.71 15.35 -2.83
N ASN B 43 2.64 16.48 -2.12
CA ASN B 43 3.65 17.53 -2.23
C ASN B 43 3.88 18.25 -0.90
N PRO B 44 5.10 18.13 -0.35
CA PRO B 44 6.22 17.32 -0.83
C PRO B 44 5.89 15.80 -0.83
N PRO B 45 6.50 15.03 -1.74
CA PRO B 45 6.21 13.60 -1.81
C PRO B 45 6.59 12.86 -0.52
N MET B 46 5.59 12.31 0.17
CA MET B 46 5.80 11.52 1.40
C MET B 46 5.18 10.11 1.32
N LEU B 47 5.88 9.13 1.89
CA LEU B 47 5.37 7.76 2.07
C LEU B 47 5.28 7.48 3.56
N GLY B 48 4.70 6.34 3.91
CA GLY B 48 4.68 5.88 5.29
C GLY B 48 5.02 4.41 5.34
N VAL B 49 5.59 3.99 6.46
CA VAL B 49 6.07 2.64 6.63
C VAL B 49 5.65 2.10 8.01
N GLY B 50 4.96 0.95 8.00
CA GLY B 50 4.43 0.30 9.19
C GLY B 50 5.34 -0.78 9.76
N VAL B 51 5.76 -0.57 11.01
CA VAL B 51 6.82 -1.38 11.60
C VAL B 51 6.48 -1.78 13.02
N ASN B 52 6.38 -3.08 13.25
CA ASN B 52 6.09 -3.61 14.57
C ASN B 52 7.10 -3.14 15.62
N LYS B 53 6.57 -2.74 16.77
CA LYS B 53 7.39 -2.29 17.90
C LYS B 53 8.37 -3.37 18.38
N SER B 54 8.13 -4.63 17.99
CA SER B 54 9.00 -5.74 18.40
C SER B 54 10.29 -5.85 17.60
N HIS B 55 10.34 -5.17 16.44
CA HIS B 55 11.49 -5.26 15.54
C HIS B 55 12.69 -4.40 15.94
N TYR B 56 13.83 -4.73 15.35
CA TYR B 56 15.09 -4.05 15.61
C TYR B 56 15.19 -2.75 14.81
N THR B 57 14.54 -2.74 13.65
CA THR B 57 14.59 -1.62 12.71
C THR B 57 14.16 -0.24 13.29
N PRO B 58 13.05 -0.18 14.09
CA PRO B 58 12.58 1.12 14.60
C PRO B 58 13.60 1.92 15.40
N GLU B 59 14.43 1.25 16.22
CA GLU B 59 15.54 1.90 16.94
C GLU B 59 16.42 2.69 15.98
N GLY B 60 16.73 2.10 14.83
CA GLY B 60 17.58 2.72 13.84
C GLY B 60 16.91 3.89 13.12
N ILE B 61 15.65 3.71 12.74
CA ILE B 61 14.92 4.81 12.12
C ILE B 61 14.77 5.99 13.11
N ALA B 62 14.47 5.69 14.37
CA ALA B 62 14.42 6.73 15.41
C ALA B 62 15.77 7.44 15.59
N GLU B 63 16.88 6.69 15.59
CA GLU B 63 18.23 7.23 15.78
C GLU B 63 18.59 8.22 14.67
N ASN B 64 18.38 7.78 13.43
CA ASN B 64 18.86 8.51 12.26
C ASN B 64 17.85 9.45 11.62
N GLY B 65 16.57 9.22 11.89
CA GLY B 65 15.53 10.01 11.26
C GLY B 65 15.56 9.83 9.76
N SER B 66 15.87 8.61 9.32
CA SER B 66 15.95 8.29 7.90
C SER B 66 15.76 6.80 7.66
N PHE B 67 15.36 6.47 6.43
CA PHE B 67 15.20 5.09 6.02
C PHE B 67 15.11 5.01 4.49
N SER B 68 15.23 3.79 3.97
CA SER B 68 15.02 3.57 2.54
C SER B 68 13.95 2.51 2.30
N VAL B 69 13.32 2.62 1.15
CA VAL B 69 12.36 1.66 0.66
C VAL B 69 12.92 1.13 -0.65
N ASN B 70 13.16 -0.18 -0.69
CA ASN B 70 13.94 -0.85 -1.75
C ASN B 70 13.09 -1.93 -2.41
N PHE B 71 13.05 -1.94 -3.74
CA PHE B 71 12.19 -2.87 -4.48
C PHE B 71 12.98 -4.02 -5.08
N PRO B 72 12.89 -5.23 -4.49
CA PRO B 72 13.56 -6.35 -5.14
C PRO B 72 12.79 -6.83 -6.39
N TYR B 73 13.49 -7.46 -7.33
CA TYR B 73 12.83 -8.19 -8.40
C TYR B 73 12.51 -9.64 -7.95
N SER B 74 11.68 -10.35 -8.71
CA SER B 74 11.18 -11.67 -8.27
C SER B 74 12.26 -12.72 -7.97
N GLY B 75 13.34 -12.73 -8.75
CA GLY B 75 14.46 -13.66 -8.51
C GLY B 75 15.20 -13.45 -7.20
N MET B 76 14.92 -12.35 -6.50
CA MET B 76 15.48 -12.12 -5.15
C MET B 76 14.56 -12.60 -4.03
N VAL B 77 13.51 -13.36 -4.36
CA VAL B 77 12.52 -13.84 -3.38
C VAL B 77 13.12 -14.35 -2.08
N LYS B 78 14.12 -15.23 -2.16
CA LYS B 78 14.72 -15.86 -0.98
C LYS B 78 15.45 -14.93 -0.03
N LYS B 79 16.39 -14.14 -0.55
CA LYS B 79 17.08 -13.11 0.26
C LYS B 79 16.08 -12.16 0.91
N THR B 80 15.07 -11.76 0.13
CA THR B 80 13.99 -10.91 0.61
C THR B 80 13.26 -11.53 1.79
N ASP B 81 12.76 -12.76 1.59
CA ASP B 81 12.03 -13.49 2.63
C ASP B 81 12.88 -13.70 3.90
N TYR B 82 14.16 -14.02 3.68
CA TYR B 82 15.14 -14.16 4.74
C TYR B 82 15.25 -12.92 5.63
N CYS B 83 15.17 -11.76 4.98
CA CYS B 83 15.16 -10.47 5.69
C CYS B 83 13.89 -10.25 6.49
N GLY B 84 12.82 -10.99 6.17
CA GLY B 84 11.60 -10.96 6.97
C GLY B 84 11.46 -12.11 7.96
N LEU B 85 12.51 -12.90 8.13
CA LEU B 85 12.51 -14.07 9.02
C LEU B 85 13.49 -13.91 10.17
N VAL B 86 14.51 -13.08 9.96
CA VAL B 86 15.55 -12.89 10.96
C VAL B 86 15.68 -11.42 11.38
N SER B 87 16.00 -11.22 12.66
CA SER B 87 16.14 -9.87 13.18
C SER B 87 17.61 -9.42 13.24
N GLY B 88 17.83 -8.13 12.99
CA GLY B 88 19.14 -7.53 13.10
C GLY B 88 19.68 -7.54 14.52
N GLU B 89 18.78 -7.77 15.49
CA GLU B 89 19.15 -7.95 16.89
C GLU B 89 20.09 -9.15 17.06
N LYS B 90 19.85 -10.20 16.28
CA LYS B 90 20.60 -11.45 16.39
C LYS B 90 21.52 -11.70 15.20
N VAL B 91 21.09 -11.29 14.01
CA VAL B 91 21.79 -11.67 12.78
C VAL B 91 22.14 -10.44 11.95
N ASP B 92 23.44 -10.28 11.68
CA ASP B 92 23.93 -9.20 10.84
C ASP B 92 23.38 -9.37 9.42
N LYS B 93 22.51 -8.44 9.02
CA LYS B 93 21.99 -8.40 7.65
C LYS B 93 22.75 -7.41 6.76
N SER B 94 23.72 -6.69 7.34
CA SER B 94 24.52 -5.67 6.61
C SER B 94 25.32 -6.23 5.44
N GLY B 95 25.58 -7.54 5.47
CA GLY B 95 26.42 -8.16 4.44
C GLY B 95 25.71 -8.94 3.37
N LEU B 96 24.39 -9.06 3.49
CA LEU B 96 23.59 -9.84 2.55
C LEU B 96 23.60 -9.25 1.13
N PHE B 97 23.62 -7.92 1.08
CA PHE B 97 23.52 -7.16 -0.16
C PHE B 97 24.71 -6.21 -0.32
N GLU B 98 24.91 -5.70 -1.54
CA GLU B 98 25.81 -4.57 -1.78
C GLU B 98 25.07 -3.30 -1.37
N VAL B 99 25.61 -2.59 -0.39
CA VAL B 99 24.94 -1.41 0.16
C VAL B 99 25.55 -0.11 -0.34
N PHE B 100 24.69 0.81 -0.75
CA PHE B 100 25.09 2.18 -1.09
C PHE B 100 24.25 3.19 -0.29
N TYR B 101 24.87 4.33 -0.01
CA TYR B 101 24.20 5.43 0.67
C TYR B 101 24.03 6.59 -0.31
N GLY B 102 23.21 7.55 0.10
CA GLY B 102 22.90 8.72 -0.74
C GLY B 102 23.00 10.00 0.04
N GLU B 103 22.18 10.98 -0.35
CA GLU B 103 22.24 12.36 0.16
C GLU B 103 22.03 12.48 1.67
N LEU B 104 21.23 11.59 2.23
CA LEU B 104 20.93 11.60 3.66
C LEU B 104 22.02 10.90 4.47
N LYS B 105 22.92 10.21 3.78
CA LYS B 105 24.16 9.65 4.38
C LYS B 105 23.95 8.40 5.24
N THR B 106 22.74 8.23 5.73
CA THR B 106 22.50 7.32 6.84
C THR B 106 21.37 6.30 6.60
N ALA B 107 20.77 6.35 5.42
CA ALA B 107 19.77 5.37 5.02
C ALA B 107 20.36 4.38 4.01
N PRO B 108 20.64 3.16 4.46
CA PRO B 108 21.32 2.20 3.60
C PRO B 108 20.39 1.67 2.51
N MET B 109 20.87 1.69 1.27
CA MET B 109 20.08 1.24 0.11
C MET B 109 20.74 0.04 -0.55
N ILE B 110 19.94 -0.74 -1.27
CA ILE B 110 20.39 -2.02 -1.83
C ILE B 110 20.66 -1.90 -3.33
N LYS B 111 21.91 -2.14 -3.72
CA LYS B 111 22.33 -1.94 -5.12
C LYS B 111 21.53 -2.81 -6.09
N GLU B 112 21.22 -4.03 -5.67
CA GLU B 112 20.59 -5.02 -6.54
C GLU B 112 19.09 -4.75 -6.77
N CYS B 113 18.46 -4.02 -5.85
CA CYS B 113 17.05 -3.64 -5.98
C CYS B 113 16.81 -2.70 -7.17
N THR B 114 15.63 -2.80 -7.77
CA THR B 114 15.35 -2.11 -9.02
C THR B 114 15.06 -0.62 -8.83
N LEU B 115 14.67 -0.28 -7.60
CA LEU B 115 14.25 1.08 -7.25
C LEU B 115 14.50 1.29 -5.76
N ASN B 116 15.12 2.41 -5.42
CA ASN B 116 15.40 2.78 -4.02
C ASN B 116 14.91 4.18 -3.71
N LEU B 117 14.06 4.29 -2.68
CA LEU B 117 13.55 5.57 -2.21
C LEU B 117 14.21 5.93 -0.88
N GLU B 118 14.97 7.01 -0.88
CA GLU B 118 15.72 7.47 0.28
C GLU B 118 14.88 8.50 1.02
N CYS B 119 14.52 8.22 2.27
CA CYS B 119 13.48 8.99 2.95
C CYS B 119 13.90 9.65 4.24
N ARG B 120 13.45 10.88 4.41
CA ARG B 120 13.70 11.61 5.64
C ARG B 120 12.48 11.62 6.54
N VAL B 121 12.63 11.11 7.75
CA VAL B 121 11.52 11.06 8.69
C VAL B 121 11.00 12.47 8.93
N VAL B 122 9.70 12.64 8.70
CA VAL B 122 8.97 13.89 8.93
C VAL B 122 8.17 13.78 10.25
N GLU B 123 7.46 12.66 10.42
CA GLU B 123 6.70 12.42 11.63
C GLU B 123 6.68 10.93 11.94
N THR B 124 6.91 10.60 13.20
CA THR B 124 6.74 9.23 13.70
C THR B 124 5.39 9.12 14.40
N LEU B 125 4.50 8.33 13.81
CA LEU B 125 3.21 8.04 14.43
C LEU B 125 3.28 6.75 15.23
N GLU B 126 2.72 6.78 16.42
CA GLU B 126 2.74 5.62 17.32
C GLU B 126 1.33 5.06 17.52
N PHE B 127 1.21 3.76 17.30
CA PHE B 127 -0.03 3.03 17.54
C PHE B 127 0.33 1.89 18.49
N PRO B 128 -0.70 1.17 19.01
CA PRO B 128 -0.43 0.17 20.08
C PRO B 128 0.72 -0.81 19.86
N THR B 129 0.79 -1.41 18.67
CA THR B 129 1.77 -2.47 18.37
C THR B 129 2.83 -2.11 17.31
N ASN B 130 2.67 -0.93 16.67
CA ASN B 130 3.49 -0.53 15.53
C ASN B 130 3.82 0.96 15.54
N TYR B 131 4.96 1.30 14.94
CA TYR B 131 5.14 2.66 14.47
C TYR B 131 4.76 2.77 13.00
N PHE B 132 4.32 3.95 12.61
CA PHE B 132 4.20 4.33 11.21
C PHE B 132 5.05 5.58 11.02
N PHE B 133 6.22 5.36 10.41
CA PHE B 133 7.19 6.42 10.11
C PHE B 133 6.84 7.10 8.79
N VAL B 134 6.41 8.36 8.84
CA VAL B 134 6.13 9.16 7.63
C VAL B 134 7.41 9.87 7.17
N GLY B 135 7.82 9.57 5.94
CA GLY B 135 9.06 10.10 5.41
C GLY B 135 8.87 10.81 4.09
N GLU B 136 9.59 11.91 3.92
CA GLU B 136 9.67 12.59 2.63
C GLU B 136 10.65 11.85 1.75
N ILE B 137 10.26 11.60 0.50
CA ILE B 137 11.18 11.01 -0.45
C ILE B 137 12.10 12.12 -0.95
N ILE B 138 13.34 12.10 -0.48
CA ILE B 138 14.26 13.19 -0.80
C ILE B 138 15.07 12.85 -2.04
N ALA B 139 15.35 11.57 -2.25
CA ALA B 139 16.00 11.12 -3.47
C ALA B 139 15.48 9.75 -3.87
N ALA B 140 15.37 9.55 -5.17
CA ALA B 140 14.97 8.28 -5.75
C ALA B 140 15.99 7.84 -6.79
N TYR B 141 16.32 6.55 -6.75
CA TYR B 141 17.33 5.95 -7.60
C TYR B 141 16.78 4.74 -8.36
N SER B 142 17.08 4.69 -9.65
CA SER B 142 16.92 3.45 -10.40
C SER B 142 18.08 3.29 -11.38
N GLU B 143 17.84 2.52 -12.43
CA GLU B 143 18.82 2.31 -13.50
C GLU B 143 18.08 2.44 -14.83
N GLU B 144 18.83 2.75 -15.90
CA GLU B 144 18.21 2.96 -17.22
C GLU B 144 17.34 1.77 -17.66
N GLN B 145 17.81 0.56 -17.34
CA GLN B 145 17.13 -0.68 -17.78
C GLN B 145 15.78 -0.94 -17.10
N TYR B 146 15.40 -0.07 -16.17
CA TYR B 146 14.12 -0.18 -15.48
C TYR B 146 13.18 0.95 -15.85
N LEU B 147 13.63 1.83 -16.75
CA LEU B 147 12.88 3.03 -17.06
C LEU B 147 12.29 3.03 -18.47
N ILE B 148 11.08 3.59 -18.59
CA ILE B 148 10.52 3.92 -19.89
C ILE B 148 10.19 5.40 -19.88
N GLN B 149 10.73 6.14 -20.84
CA GLN B 149 10.62 7.61 -20.89
C GLN B 149 10.92 8.27 -19.53
N GLY B 150 12.03 7.89 -18.90
CA GLY B 150 12.46 8.48 -17.61
C GLY B 150 11.80 7.97 -16.33
N LYS B 151 10.80 7.10 -16.45
CA LYS B 151 10.01 6.64 -15.30
C LYS B 151 10.08 5.12 -15.13
N PRO B 152 10.07 4.64 -13.87
CA PRO B 152 10.00 3.18 -13.65
C PRO B 152 8.89 2.50 -14.47
N ASP B 153 9.23 1.34 -15.01
CA ASP B 153 8.28 0.49 -15.72
C ASP B 153 8.12 -0.79 -14.92
N ILE B 154 6.89 -1.08 -14.49
CA ILE B 154 6.69 -2.22 -13.59
C ILE B 154 7.10 -3.60 -14.16
N LYS B 155 6.95 -3.80 -15.47
CA LYS B 155 7.30 -5.10 -16.08
C LYS B 155 8.82 -5.31 -16.14
N LYS B 156 9.56 -4.22 -16.38
CA LYS B 156 11.01 -4.25 -16.29
C LYS B 156 11.45 -4.55 -14.85
N MET B 157 10.78 -3.92 -13.88
CA MET B 157 11.09 -4.09 -12.46
C MET B 157 10.86 -5.51 -11.96
N ASP B 158 9.80 -6.13 -12.47
CA ASP B 158 9.33 -7.46 -12.03
C ASP B 158 9.30 -7.58 -10.49
N PRO B 159 8.51 -6.70 -9.82
CA PRO B 159 8.49 -6.73 -8.35
C PRO B 159 7.60 -7.86 -7.83
N LEU B 160 7.78 -8.16 -6.54
CA LEU B 160 6.95 -9.13 -5.84
C LEU B 160 5.73 -8.48 -5.16
N LEU B 161 4.71 -9.31 -4.92
CA LEU B 161 3.48 -8.96 -4.22
C LEU B 161 3.30 -9.96 -3.09
N LEU B 162 2.53 -9.56 -2.09
CA LEU B 162 2.38 -10.35 -0.89
C LEU B 162 0.95 -10.39 -0.45
N THR B 163 0.57 -11.54 0.04
CA THR B 163 -0.73 -11.74 0.61
C THR B 163 -0.55 -12.47 1.96
N MET B 164 -1.16 -11.94 3.02
CA MET B 164 -1.17 -12.58 4.34
C MET B 164 -2.62 -12.71 4.84
N PRO B 165 -2.89 -13.61 5.82
CA PRO B 165 -2.03 -14.55 6.53
C PRO B 165 -1.80 -15.87 5.78
N ASP B 166 -2.36 -16.01 4.59
CA ASP B 166 -2.03 -17.14 3.74
C ASP B 166 -0.53 -17.21 3.43
N ASN B 167 0.15 -16.07 3.54
CA ASN B 167 1.60 -15.99 3.33
C ASN B 167 2.11 -16.40 1.95
N SER B 168 1.63 -15.73 0.90
CA SER B 168 2.04 -16.05 -0.48
C SER B 168 2.74 -14.87 -1.17
N TYR B 169 3.67 -15.18 -2.06
CA TYR B 169 4.22 -14.20 -2.97
C TYR B 169 3.60 -14.41 -4.33
N TRP B 170 3.51 -13.31 -5.09
CA TRP B 170 2.95 -13.28 -6.43
C TRP B 170 3.78 -12.32 -7.27
N THR B 171 3.73 -12.48 -8.59
CA THR B 171 4.21 -11.44 -9.49
C THR B 171 3.05 -10.69 -10.11
N VAL B 172 3.36 -9.61 -10.82
CA VAL B 172 2.35 -8.76 -11.48
C VAL B 172 1.86 -9.49 -12.73
N GLY B 173 0.55 -9.45 -12.94
CA GLY B 173 -0.09 -10.14 -14.07
C GLY B 173 -0.22 -9.28 -15.30
N ASP B 174 -1.32 -9.48 -16.02
CA ASP B 174 -1.57 -8.78 -17.27
C ASP B 174 -2.09 -7.35 -17.07
N TYR B 175 -1.78 -6.48 -18.03
CA TYR B 175 -2.34 -5.14 -18.13
C TYR B 175 -3.85 -5.29 -18.06
N ALA B 176 -4.52 -4.33 -17.43
CA ALA B 176 -5.95 -4.47 -17.16
C ALA B 176 -6.71 -3.20 -17.51
N GLY B 177 -6.03 -2.24 -18.13
CA GLY B 177 -6.66 -1.00 -18.56
C GLY B 177 -5.82 0.23 -18.27
N ALA B 178 -6.24 1.34 -18.87
CA ALA B 178 -5.61 2.63 -18.69
C ALA B 178 -6.27 3.41 -17.55
N ALA B 179 -5.49 3.72 -16.52
CA ALA B 179 -5.97 4.48 -15.35
C ALA B 179 -6.09 5.96 -15.69
N LEU B 180 -7.04 6.66 -15.06
CA LEU B 180 -7.31 8.07 -15.36
C LEU B 180 -7.59 8.23 -16.88
N LYS B 181 -8.38 7.31 -17.41
CA LYS B 181 -8.59 7.21 -18.84
C LYS B 181 -9.85 6.44 -19.18
N THR B 182 -9.87 5.14 -18.86
CA THR B 182 -11.01 4.29 -19.20
C THR B 182 -12.33 4.82 -18.65
N GLY B 183 -12.30 5.31 -17.40
CA GLY B 183 -13.48 5.89 -16.76
C GLY B 183 -14.08 7.08 -17.49
N LYS B 184 -13.26 7.80 -18.26
CA LYS B 184 -13.76 8.91 -19.08
C LYS B 184 -14.88 8.48 -20.03
N SER B 185 -14.90 7.20 -20.37
CA SER B 185 -15.90 6.61 -21.25
C SER B 185 -17.33 6.79 -20.73
N LEU B 186 -17.48 6.90 -19.41
CA LEU B 186 -18.78 7.03 -18.77
C LEU B 186 -19.16 8.47 -18.42
N MET B 187 -18.23 9.40 -18.64
CA MET B 187 -18.42 10.82 -18.31
C MET B 187 -19.43 11.57 -19.19
N GLU B 188 -20.11 12.53 -18.56
CA GLU B 188 -21.17 13.41 -19.12
C GLU B 188 -22.26 12.71 -19.90
N1 FMN C . -6.65 10.41 -4.60
C2 FMN C . -6.16 10.45 -3.32
O2 FMN C . -6.29 11.49 -2.71
N3 FMN C . -5.52 9.32 -2.79
C4 FMN C . -5.42 8.16 -3.55
O4 FMN C . -4.93 7.15 -3.09
C4A FMN C . -5.94 8.13 -4.85
N5 FMN C . -5.83 6.99 -5.62
C5A FMN C . -6.35 6.96 -6.91
C6 FMN C . -6.22 5.79 -7.66
C7 FMN C . -6.75 5.73 -8.96
C7M FMN C . -6.99 4.38 -9.56
C8 FMN C . -7.38 6.87 -9.49
C8M FMN C . -8.11 6.81 -10.81
C9 FMN C . -7.47 8.05 -8.75
C9A FMN C . -6.97 8.10 -7.45
N10 FMN C . -7.07 9.26 -6.66
C10 FMN C . -6.56 9.28 -5.38
C1' FMN C . -7.80 10.50 -7.14
C2' FMN C . -9.26 10.49 -6.67
O2' FMN C . -9.73 9.16 -6.70
C3' FMN C . -10.12 11.36 -7.58
O3' FMN C . -9.64 12.69 -7.60
C4' FMN C . -11.62 11.36 -7.26
O4' FMN C . -12.27 11.98 -8.36
C5' FMN C . -11.95 12.12 -5.98
O5' FMN C . -13.35 12.21 -5.85
P FMN C . -14.10 12.99 -4.66
O1P FMN C . -13.79 14.44 -4.92
O2P FMN C . -13.55 12.62 -3.31
O3P FMN C . -15.57 12.64 -4.76
N1 FMN D . 7.03 -6.46 9.72
C2 FMN D . 6.52 -5.20 9.95
O2 FMN D . 6.62 -4.71 11.07
N3 FMN D . 5.90 -4.49 8.93
C4 FMN D . 5.81 -5.06 7.67
O4 FMN D . 5.25 -4.44 6.78
C4A FMN D . 6.32 -6.35 7.44
N5 FMN D . 6.22 -6.93 6.18
C5A FMN D . 6.75 -8.18 5.94
C6 FMN D . 6.65 -8.73 4.66
C7 FMN D . 7.17 -10.00 4.40
C7M FMN D . 7.14 -10.51 2.99
C8 FMN D . 7.80 -10.73 5.42
C8M FMN D . 8.59 -11.99 5.12
C9 FMN D . 7.91 -10.15 6.70
C9A FMN D . 7.40 -8.89 6.98
N10 FMN D . 7.50 -8.31 8.24
C10 FMN D . 6.96 -7.04 8.47
C1' FMN D . 8.27 -9.00 9.33
C2' FMN D . 9.66 -8.41 9.54
O2' FMN D . 10.29 -8.17 8.30
C3' FMN D . 10.56 -9.39 10.31
O3' FMN D . 10.08 -9.67 11.61
C4' FMN D . 12.01 -8.91 10.35
O4' FMN D . 12.82 -9.95 10.81
C5' FMN D . 12.25 -7.67 11.21
O5' FMN D . 13.63 -7.40 11.03
P FMN D . 14.50 -6.56 12.11
O1P FMN D . 14.25 -7.13 13.48
O2P FMN D . 14.01 -5.14 12.09
O3P FMN D . 15.96 -6.56 11.78
#